data_5F21
#
_entry.id   5F21
#
_cell.length_a   45.149
_cell.length_b   69.666
_cell.length_c   123.476
_cell.angle_alpha   90.000
_cell.angle_beta   90.000
_cell.angle_gamma   90.000
#
_symmetry.space_group_name_H-M   'P 21 21 21'
#
loop_
_entity.id
_entity.type
_entity.pdbx_description
1 polymer 'ADP-ribosyl cyclase/cyclic ADP-ribose hydrolase 1'
2 polymer 'nanobody MU375'
3 non-polymer 'SULFATE ION'
4 non-polymer GLYCEROL
5 water water
#
loop_
_entity_poly.entity_id
_entity_poly.type
_entity_poly.pdbx_seq_one_letter_code
_entity_poly.pdbx_strand_id
1 'polypeptide(L)'
;WRQTWSGPGTTKRFPETVLARCVKYTEIHPEMRHVDCQSVWDAFKGAFISKHPCDITEEDYQPLMKLGTQTVPCNKILLW
SRIKDLAHQFTQVQRDMFTLEDTLLGYLADDLTWCGEFDTSKINYQSCPDWRKDCSNNPVSVFWKTVSRRFAEAACDVVH
VMLDGSRSKIFDKDSTFGSVEVHNLQPEKVQTLEAWVIHGGREDSRDLCQDPTIKELESIISKRNIQFSCKNIYRPDKFL
QCVKNPEDSSCTSEI
;
A
2 'polypeptide(L)'
;DVQLQESGGGSVQAGGSLTLSCTASGLLFRLASMGWYRQAPGKERELIATITVGGKTNYKDSVQGRFIITRDNTGDNTKS
TVTLQMNRLKPEDTAVYYCNTASPAVGADTWGQGTRVTVSSEPKTPKPQPAAAHHHHHHGAAEQKLISEEDLNGAA
;
B
#
# COMPACT_ATOMS: atom_id res chain seq x y z
N THR A 4 3.58 39.65 6.32
CA THR A 4 2.42 38.70 6.48
C THR A 4 2.15 37.90 5.20
N TRP A 5 1.83 36.64 5.39
CA TRP A 5 1.66 35.67 4.33
C TRP A 5 0.21 35.21 4.36
N SER A 6 -0.15 34.38 3.39
CA SER A 6 -1.52 33.87 3.24
C SER A 6 -1.77 32.57 3.99
N GLY A 7 -0.73 31.86 4.41
CA GLY A 7 -0.89 30.58 5.08
C GLY A 7 -0.90 30.67 6.60
N PRO A 8 -1.34 29.60 7.28
CA PRO A 8 -1.29 29.57 8.74
C PRO A 8 0.14 29.78 9.29
N GLY A 9 0.24 30.36 10.47
CA GLY A 9 1.54 30.54 11.14
C GLY A 9 2.13 29.23 11.64
N THR A 10 3.36 29.29 12.11
CA THR A 10 4.05 28.13 12.67
C THR A 10 3.22 27.54 13.81
N THR A 11 3.20 26.22 13.85
CA THR A 11 2.50 25.48 14.89
C THR A 11 2.97 25.93 16.28
N LYS A 12 2.04 26.16 17.19
CA LYS A 12 2.37 26.58 18.56
C LYS A 12 3.28 25.55 19.22
N ARG A 13 4.28 26.04 19.95
CA ARG A 13 5.29 25.19 20.61
C ARG A 13 6.02 24.24 19.66
N PHE A 14 6.24 24.71 18.43
CA PHE A 14 6.94 23.94 17.42
C PHE A 14 8.28 23.34 17.92
N PRO A 15 9.15 24.13 18.58
CA PRO A 15 10.43 23.55 19.03
C PRO A 15 10.27 22.34 19.97
N GLU A 16 9.37 22.49 20.94
CA GLU A 16 9.10 21.46 21.93
C GLU A 16 8.37 20.26 21.32
N THR A 17 7.54 20.53 20.32
CA THR A 17 6.83 19.50 19.60
C THR A 17 7.81 18.64 18.82
N VAL A 18 8.74 19.25 18.11
CA VAL A 18 9.74 18.49 17.35
C VAL A 18 10.62 17.66 18.27
N LEU A 19 11.10 18.28 19.34
CA LEU A 19 11.93 17.59 20.32
C LEU A 19 11.21 16.40 20.92
N ALA A 20 9.96 16.61 21.35
CA ALA A 20 9.16 15.55 21.96
C ALA A 20 8.87 14.42 21.00
N ARG A 21 8.54 14.77 19.75
CA ARG A 21 8.28 13.77 18.69
C ARG A 21 9.51 12.92 18.40
N CYS A 22 10.67 13.57 18.43
CA CYS A 22 11.95 12.88 18.22
C CYS A 22 12.21 11.89 19.34
N VAL A 23 12.02 12.34 20.58
CA VAL A 23 12.22 11.46 21.72
C VAL A 23 11.23 10.29 21.67
N LYS A 24 9.95 10.58 21.44
CA LYS A 24 8.92 9.55 21.33
C LYS A 24 9.20 8.56 20.22
N TYR A 25 9.65 9.07 19.06
CA TYR A 25 9.98 8.21 17.93
C TYR A 25 11.07 7.20 18.31
N THR A 26 12.12 7.71 18.94
CA THR A 26 13.24 6.84 19.32
C THR A 26 12.84 5.86 20.43
N GLU A 27 11.77 6.16 21.18
CA GLU A 27 11.17 5.19 22.12
C GLU A 27 10.35 4.08 21.42
N ILE A 28 9.45 4.48 20.52
CA ILE A 28 8.61 3.54 19.75
C ILE A 28 9.47 2.73 18.76
N HIS A 29 10.50 3.36 18.19
CA HIS A 29 11.39 2.72 17.23
C HIS A 29 12.82 2.64 17.74
N PRO A 30 13.12 1.65 18.60
CA PRO A 30 14.45 1.51 19.22
C PRO A 30 15.65 1.45 18.27
N GLU A 31 15.43 0.99 17.03
CA GLU A 31 16.47 0.99 16.01
C GLU A 31 17.06 2.38 15.65
N MET A 32 16.35 3.46 16.02
CA MET A 32 16.82 4.85 15.80
C MET A 32 17.29 5.58 17.08
N ARG A 33 17.57 4.83 18.14
CA ARG A 33 18.04 5.46 19.40
C ARG A 33 19.44 6.06 19.38
N HIS A 34 20.21 5.77 18.35
CA HIS A 34 21.49 6.48 18.14
C HIS A 34 21.38 7.99 17.81
N VAL A 35 20.21 8.47 17.38
CA VAL A 35 20.10 9.91 17.02
C VAL A 35 20.10 10.79 18.28
N ASP A 36 20.71 11.97 18.16
CA ASP A 36 20.71 13.00 19.19
C ASP A 36 19.61 13.97 18.83
N CYS A 37 18.51 13.96 19.60
CA CYS A 37 17.34 14.77 19.28
C CYS A 37 17.59 16.29 19.36
N GLN A 38 18.44 16.74 20.29
CA GLN A 38 18.88 18.15 20.30
C GLN A 38 19.57 18.55 18.97
N SER A 39 20.46 17.68 18.48
CA SER A 39 21.15 17.90 17.20
C SER A 39 20.19 17.91 16.01
N VAL A 40 19.22 17.00 16.03
CA VAL A 40 18.16 16.99 15.01
C VAL A 40 17.41 18.35 14.98
N TRP A 41 17.03 18.84 16.16
CA TRP A 41 16.31 20.10 16.23
C TRP A 41 17.18 21.27 15.72
N ASP A 42 18.42 21.33 16.18
CA ASP A 42 19.36 22.33 15.69
C ASP A 42 19.49 22.33 14.17
N ALA A 43 19.55 21.14 13.57
CA ALA A 43 19.62 21.02 12.09
C ALA A 43 18.33 21.43 11.41
N PHE A 44 17.20 21.09 12.01
CA PHE A 44 15.89 21.43 11.46
C PHE A 44 15.76 22.97 11.44
N LYS A 45 15.96 23.56 12.61
CA LYS A 45 15.95 25.01 12.74
C LYS A 45 16.95 25.72 11.77
N GLY A 46 18.15 25.18 11.63
CA GLY A 46 19.16 25.73 10.73
C GLY A 46 18.75 25.83 9.28
N ALA A 47 17.85 24.93 8.87
CA ALA A 47 17.34 24.92 7.50
C ALA A 47 16.53 26.15 7.14
N PHE A 48 15.87 26.76 8.12
CA PHE A 48 14.93 27.86 7.82
C PHE A 48 15.04 29.12 8.66
N ILE A 49 15.72 29.09 9.81
CA ILE A 49 15.83 30.29 10.66
C ILE A 49 16.73 31.34 10.00
N SER A 50 16.38 32.61 10.19
CA SER A 50 17.14 33.74 9.63
C SER A 50 17.21 33.72 8.07
N LYS A 51 16.22 33.09 7.45
CA LYS A 51 16.16 32.97 5.98
C LYS A 51 14.80 33.43 5.52
N HIS A 52 14.76 34.02 4.35
CA HIS A 52 13.50 34.40 3.72
C HIS A 52 12.76 33.13 3.29
N PRO A 53 11.49 32.95 3.72
CA PRO A 53 10.78 31.67 3.49
C PRO A 53 10.19 31.46 2.07
N CYS A 54 10.65 32.25 1.10
CA CYS A 54 10.41 31.98 -0.33
C CYS A 54 11.70 31.60 -1.07
N ASP A 55 12.78 31.39 -0.34
CA ASP A 55 14.08 31.06 -0.92
C ASP A 55 14.74 29.87 -0.24
N ILE A 56 13.94 28.89 0.15
CA ILE A 56 14.45 27.70 0.78
C ILE A 56 14.84 26.67 -0.29
N THR A 57 15.95 25.99 -0.09
CA THR A 57 16.44 25.00 -1.04
C THR A 57 16.52 23.62 -0.41
N GLU A 58 16.59 22.59 -1.24
CA GLU A 58 16.77 21.23 -0.72
C GLU A 58 18.09 21.14 0.06
N GLU A 59 19.10 21.91 -0.38
CA GLU A 59 20.42 21.96 0.25
C GLU A 59 20.33 22.45 1.71
N ASP A 60 19.44 23.41 1.97
CA ASP A 60 19.20 23.90 3.35
C ASP A 60 18.84 22.78 4.32
N TYR A 61 18.14 21.76 3.83
CA TYR A 61 17.73 20.62 4.65
C TYR A 61 18.74 19.47 4.72
N GLN A 62 19.88 19.58 4.03
CA GLN A 62 20.84 18.49 3.99
C GLN A 62 21.35 18.03 5.35
N PRO A 63 21.72 18.97 6.24
CA PRO A 63 22.18 18.55 7.57
C PRO A 63 21.15 17.70 8.33
N LEU A 64 19.87 18.08 8.25
CA LEU A 64 18.77 17.32 8.82
C LEU A 64 18.62 15.93 8.17
N MET A 65 18.67 15.89 6.84
CA MET A 65 18.57 14.63 6.11
C MET A 65 19.66 13.67 6.54
N LYS A 66 20.88 14.18 6.72
CA LYS A 66 22.00 13.33 7.16
C LYS A 66 21.77 12.78 8.57
N LEU A 67 21.38 13.65 9.48
CA LEU A 67 21.10 13.25 10.86
C LEU A 67 19.91 12.28 10.97
N GLY A 68 18.88 12.47 10.15
CA GLY A 68 17.71 11.58 10.15
C GLY A 68 17.81 10.38 9.20
N THR A 69 19.01 10.06 8.72
CA THR A 69 19.22 8.92 7.83
C THR A 69 18.64 7.68 8.47
N GLN A 70 17.84 6.95 7.68
CA GLN A 70 17.16 5.77 8.16
C GLN A 70 17.01 4.84 6.98
N THR A 71 17.62 3.67 7.05
CA THR A 71 17.47 2.69 6.00
C THR A 71 16.26 1.84 6.37
N VAL A 72 15.17 2.05 5.63
CA VAL A 72 13.96 1.25 5.75
C VAL A 72 14.12 0.04 4.81
N PRO A 73 13.55 -1.14 5.16
CA PRO A 73 13.55 -2.24 4.17
C PRO A 73 12.89 -1.79 2.87
N CYS A 74 13.66 -1.72 1.80
CA CYS A 74 13.23 -1.08 0.56
C CYS A 74 12.02 -1.71 -0.12
N ASN A 75 11.75 -2.98 0.20
CA ASN A 75 10.62 -3.73 -0.37
C ASN A 75 9.35 -3.66 0.48
N LYS A 76 9.33 -2.83 1.52
CA LYS A 76 8.20 -2.75 2.45
C LYS A 76 7.64 -1.32 2.54
N ILE A 77 7.70 -0.59 1.43
CA ILE A 77 7.28 0.81 1.41
C ILE A 77 5.83 0.93 0.90
N LEU A 78 5.01 1.67 1.65
CA LEU A 78 3.67 2.02 1.26
C LEU A 78 3.62 3.53 0.99
N LEU A 79 3.34 3.90 -0.25
CA LEU A 79 3.09 5.27 -0.60
C LEU A 79 1.56 5.49 -0.53
N TRP A 80 1.15 6.74 -0.54
CA TRP A 80 -0.28 7.07 -0.55
C TRP A 80 -0.50 8.42 -1.20
N SER A 81 -1.75 8.66 -1.58
CA SER A 81 -2.16 9.97 -2.11
C SER A 81 -3.57 10.25 -1.64
N ARG A 82 -3.76 11.37 -0.93
CA ARG A 82 -5.08 11.84 -0.46
C ARG A 82 -5.84 10.86 0.44
N ILE A 83 -5.13 9.93 1.08
CA ILE A 83 -5.74 8.93 1.98
C ILE A 83 -4.74 8.54 3.07
N LYS A 84 -4.11 9.57 3.65
CA LYS A 84 -3.09 9.39 4.68
C LYS A 84 -3.57 8.56 5.88
N ASP A 85 -4.77 8.83 6.38
CA ASP A 85 -5.27 8.19 7.60
C ASP A 85 -5.33 6.68 7.45
N LEU A 86 -5.85 6.19 6.33
CA LEU A 86 -5.95 4.76 6.11
C LEU A 86 -4.57 4.09 5.93
N ALA A 87 -3.64 4.75 5.23
CA ALA A 87 -2.29 4.21 5.05
C ALA A 87 -1.57 4.03 6.39
N HIS A 88 -1.70 5.03 7.26
CA HIS A 88 -1.14 4.95 8.61
C HIS A 88 -1.80 3.88 9.47
N GLN A 89 -3.12 3.74 9.36
CA GLN A 89 -3.83 2.67 10.06
C GLN A 89 -3.37 1.32 9.57
N PHE A 90 -3.11 1.20 8.28
CA PHE A 90 -2.57 -0.04 7.73
C PHE A 90 -1.20 -0.42 8.31
N THR A 91 -0.27 0.54 8.39
CA THR A 91 1.07 0.23 8.93
C THR A 91 1.06 0.06 10.45
N GLN A 92 0.01 0.55 11.12
CA GLN A 92 -0.17 0.24 12.55
C GLN A 92 -0.51 -1.23 12.78
N VAL A 93 -1.13 -1.88 11.79
CA VAL A 93 -1.48 -3.31 11.88
C VAL A 93 -0.53 -4.21 11.09
N GLN A 94 0.09 -3.69 10.04
CA GLN A 94 1.07 -4.41 9.24
C GLN A 94 2.41 -3.76 9.52
N ARG A 95 3.00 -4.13 10.65
CA ARG A 95 4.08 -3.33 11.28
C ARG A 95 5.46 -3.42 10.63
N ASP A 96 5.64 -4.34 9.70
CA ASP A 96 6.88 -4.42 8.90
C ASP A 96 6.88 -3.44 7.71
N MET A 97 5.76 -2.77 7.44
CA MET A 97 5.69 -1.78 6.36
C MET A 97 5.73 -0.33 6.83
N PHE A 98 6.22 0.53 5.94
CA PHE A 98 6.50 1.94 6.27
C PHE A 98 5.93 2.89 5.25
N THR A 99 5.21 3.91 5.74
CA THR A 99 4.94 5.11 4.97
C THR A 99 6.03 6.12 5.32
N LEU A 100 6.06 7.20 4.58
CA LEU A 100 7.00 8.28 4.84
C LEU A 100 6.88 8.78 6.29
N GLU A 101 5.67 8.86 6.80
CA GLU A 101 5.45 9.47 8.10
C GLU A 101 5.66 8.43 9.24
N ASP A 102 5.98 7.20 8.89
CA ASP A 102 6.52 6.21 9.84
C ASP A 102 8.06 6.24 9.95
N THR A 103 8.74 7.01 9.11
CA THR A 103 10.18 7.26 9.27
C THR A 103 10.32 8.43 10.26
N LEU A 104 11.50 8.54 10.86
CA LEU A 104 11.77 9.61 11.83
C LEU A 104 11.47 11.01 11.29
N LEU A 105 12.09 11.35 10.16
CA LEU A 105 11.91 12.67 9.56
C LEU A 105 10.45 12.98 9.20
N GLY A 106 9.75 12.02 8.61
CA GLY A 106 8.33 12.19 8.29
C GLY A 106 7.46 12.33 9.54
N TYR A 107 7.77 11.53 10.56
CA TYR A 107 7.06 11.58 11.85
C TYR A 107 7.21 12.92 12.56
N LEU A 108 8.43 13.48 12.56
CA LEU A 108 8.69 14.81 13.16
C LEU A 108 7.82 15.92 12.58
N ALA A 109 7.64 15.94 11.25
CA ALA A 109 7.03 17.08 10.56
C ALA A 109 5.54 16.96 10.27
N ASP A 110 4.99 15.75 10.35
CA ASP A 110 3.63 15.44 9.88
C ASP A 110 2.63 16.36 10.56
N ASP A 111 1.85 17.08 9.75
CA ASP A 111 0.78 17.99 10.18
C ASP A 111 1.27 19.28 10.83
N LEU A 112 2.57 19.57 10.77
CA LEU A 112 3.10 20.82 11.31
C LEU A 112 3.36 21.84 10.21
N THR A 113 3.38 23.10 10.62
CA THR A 113 3.72 24.22 9.76
C THR A 113 4.85 25.00 10.45
N TRP A 114 5.77 25.56 9.66
CA TRP A 114 6.88 26.36 10.20
C TRP A 114 7.46 27.30 9.14
N CYS A 115 8.00 28.42 9.62
CA CYS A 115 8.78 29.36 8.80
C CYS A 115 9.49 30.38 9.68
N GLY A 116 10.51 31.00 9.12
CA GLY A 116 11.26 32.06 9.77
C GLY A 116 11.14 33.35 8.99
N GLU A 117 12.13 34.21 9.17
CA GLU A 117 12.16 35.49 8.47
C GLU A 117 13.60 35.94 8.30
N PHE A 118 13.85 36.74 7.28
CA PHE A 118 15.23 37.04 6.86
C PHE A 118 16.04 37.86 7.86
N ASP A 119 15.35 38.66 8.68
CA ASP A 119 15.99 39.71 9.47
C ASP A 119 16.08 39.44 10.97
N THR A 120 15.60 38.28 11.42
CA THR A 120 15.71 37.89 12.84
C THR A 120 15.88 36.37 12.94
N SER A 121 16.25 35.90 14.12
CA SER A 121 16.28 34.46 14.38
C SER A 121 14.94 33.93 14.93
N LYS A 122 13.85 34.68 14.75
CA LYS A 122 12.54 34.32 15.27
C LYS A 122 11.78 33.40 14.33
N ILE A 123 11.03 32.48 14.92
CA ILE A 123 10.03 31.70 14.19
C ILE A 123 8.79 32.58 14.01
N ASN A 124 8.22 32.54 12.82
CA ASN A 124 7.00 33.28 12.53
C ASN A 124 5.75 32.49 12.93
N TYR A 125 5.20 32.83 14.10
CA TYR A 125 3.95 32.25 14.59
C TYR A 125 2.67 32.92 14.04
N GLN A 126 2.80 34.03 13.31
CA GLN A 126 1.66 34.77 12.79
C GLN A 126 1.16 34.19 11.46
N SER A 127 2.07 34.00 10.52
CA SER A 127 1.70 33.46 9.20
C SER A 127 2.92 32.85 8.53
N CYS A 128 2.66 31.98 7.56
CA CYS A 128 3.71 31.38 6.73
C CYS A 128 3.24 31.31 5.29
N PRO A 129 4.18 31.22 4.33
CA PRO A 129 3.77 31.24 2.93
C PRO A 129 2.86 30.09 2.50
N ASP A 130 1.77 30.43 1.83
CA ASP A 130 0.93 29.45 1.13
C ASP A 130 1.60 29.11 -0.22
N TRP A 131 1.68 27.81 -0.52
CA TRP A 131 2.29 27.30 -1.74
CA TRP A 131 2.31 27.32 -1.75
C TRP A 131 1.78 28.03 -3.00
N ARG A 132 0.45 28.15 -3.10
CA ARG A 132 -0.20 28.77 -4.28
C ARG A 132 -0.17 30.27 -4.29
N LYS A 133 -0.65 30.88 -3.20
CA LYS A 133 -0.83 32.32 -3.13
C LYS A 133 0.47 33.10 -2.98
N ASP A 134 1.44 32.54 -2.25
CA ASP A 134 2.65 33.28 -1.89
C ASP A 134 3.85 32.81 -2.68
N CYS A 135 4.30 31.58 -2.44
CA CYS A 135 5.50 31.05 -3.07
C CYS A 135 5.67 29.56 -2.85
N SER A 136 6.20 28.87 -3.86
CA SER A 136 6.42 27.41 -3.79
C SER A 136 7.63 26.95 -2.98
N ASN A 137 8.72 27.73 -2.94
CA ASN A 137 9.94 27.28 -2.25
C ASN A 137 9.97 27.76 -0.81
N ASN A 138 8.94 27.34 -0.09
CA ASN A 138 8.77 27.68 1.32
C ASN A 138 9.26 26.53 2.21
N PRO A 139 9.51 26.80 3.51
CA PRO A 139 10.14 25.78 4.36
C PRO A 139 9.41 24.43 4.38
N VAL A 140 8.09 24.47 4.42
CA VAL A 140 7.28 23.25 4.54
C VAL A 140 7.29 22.49 3.21
N SER A 141 6.96 23.17 2.12
CA SER A 141 6.92 22.52 0.81
C SER A 141 8.26 21.93 0.40
N VAL A 142 9.35 22.66 0.67
CA VAL A 142 10.69 22.20 0.30
C VAL A 142 11.11 20.99 1.14
N PHE A 143 10.76 21.01 2.43
CA PHE A 143 10.98 19.87 3.28
C PHE A 143 10.32 18.62 2.70
N TRP A 144 9.00 18.70 2.42
CA TRP A 144 8.26 17.51 1.90
C TRP A 144 8.75 17.06 0.52
N LYS A 145 9.10 18.00 -0.34
CA LYS A 145 9.70 17.65 -1.64
C LYS A 145 11.02 16.85 -1.47
N THR A 146 11.91 17.35 -0.61
CA THR A 146 13.19 16.72 -0.33
C THR A 146 13.06 15.31 0.26
N VAL A 147 12.27 15.18 1.33
CA VAL A 147 12.17 13.88 2.01
C VAL A 147 11.40 12.87 1.16
N SER A 148 10.39 13.34 0.42
CA SER A 148 9.60 12.48 -0.47
C SER A 148 10.45 11.93 -1.62
N ARG A 149 11.24 12.80 -2.24
CA ARG A 149 12.17 12.38 -3.27
C ARG A 149 13.07 11.26 -2.76
N ARG A 150 13.69 11.47 -1.60
CA ARG A 150 14.64 10.50 -1.02
C ARG A 150 13.98 9.16 -0.66
N PHE A 151 12.76 9.21 -0.12
CA PHE A 151 12.01 8.00 0.27
C PHE A 151 11.63 7.17 -0.97
N ALA A 152 11.19 7.86 -2.02
CA ALA A 152 10.82 7.22 -3.29
C ALA A 152 12.06 6.61 -3.98
N GLU A 153 13.18 7.33 -3.93
CA GLU A 153 14.46 6.83 -4.44
C GLU A 153 14.95 5.55 -3.79
N ALA A 154 14.64 5.36 -2.52
CA ALA A 154 15.09 4.22 -1.75
C ALA A 154 14.21 2.96 -1.91
N ALA A 155 13.04 3.07 -2.57
CA ALA A 155 12.12 1.96 -2.66
C ALA A 155 12.60 0.96 -3.72
N CYS A 156 12.25 -0.30 -3.55
CA CYS A 156 12.66 -1.36 -4.46
C CYS A 156 11.57 -2.41 -4.58
N ASP A 157 11.76 -3.34 -5.53
CA ASP A 157 10.89 -4.50 -5.74
C ASP A 157 9.48 -4.05 -6.07
N VAL A 158 8.48 -4.44 -5.27
CA VAL A 158 7.12 -3.98 -5.49
C VAL A 158 6.83 -2.85 -4.50
N VAL A 159 6.43 -1.72 -5.04
CA VAL A 159 6.04 -0.58 -4.24
C VAL A 159 4.52 -0.51 -4.30
N HIS A 160 3.89 -0.41 -3.14
CA HIS A 160 2.43 -0.26 -3.07
C HIS A 160 2.03 1.19 -2.84
N VAL A 161 0.94 1.64 -3.46
CA VAL A 161 0.37 2.96 -3.22
C VAL A 161 -1.16 2.87 -3.00
N MET A 162 -1.64 3.44 -1.90
CA MET A 162 -3.08 3.61 -1.67
C MET A 162 -3.55 4.89 -2.33
N LEU A 163 -4.59 4.80 -3.15
CA LEU A 163 -5.24 5.97 -3.76
C LEU A 163 -6.69 6.07 -3.31
N ASP A 164 -7.19 7.30 -3.20
CA ASP A 164 -8.56 7.55 -2.73
C ASP A 164 -9.54 7.47 -3.90
N GLY A 165 -10.28 6.36 -3.95
CA GLY A 165 -11.28 6.11 -4.95
C GLY A 165 -12.51 7.01 -4.97
N SER A 166 -12.74 7.79 -3.92
CA SER A 166 -13.91 8.73 -3.90
C SER A 166 -13.60 10.13 -4.47
N ARG A 167 -12.33 10.42 -4.78
CA ARG A 167 -11.94 11.74 -5.32
C ARG A 167 -12.32 11.90 -6.79
N SER A 168 -12.46 13.15 -7.23
CA SER A 168 -12.70 13.45 -8.64
C SER A 168 -11.55 12.98 -9.53
N LYS A 169 -10.31 13.07 -9.03
CA LYS A 169 -9.16 12.46 -9.69
C LYS A 169 -8.53 11.47 -8.73
N ILE A 170 -8.72 10.17 -9.00
CA ILE A 170 -8.21 9.10 -8.15
C ILE A 170 -6.68 9.18 -8.14
N PHE A 171 -6.10 9.34 -9.32
CA PHE A 171 -4.72 9.73 -9.47
C PHE A 171 -4.61 11.18 -9.94
N ASP A 172 -3.85 11.97 -9.20
CA ASP A 172 -3.71 13.40 -9.45
C ASP A 172 -2.23 13.65 -9.70
N LYS A 173 -1.89 13.95 -10.95
CA LYS A 173 -0.52 14.31 -11.31
C LYS A 173 0.05 15.53 -10.55
N ASP A 174 -0.81 16.38 -10.00
CA ASP A 174 -0.38 17.56 -9.23
C ASP A 174 -0.30 17.34 -7.72
N SER A 175 -0.62 16.12 -7.26
CA SER A 175 -0.44 15.74 -5.88
C SER A 175 1.06 15.56 -5.64
N THR A 176 1.46 15.47 -4.38
CA THR A 176 2.86 15.12 -4.07
C THR A 176 3.23 13.74 -4.61
N PHE A 177 2.32 12.78 -4.47
CA PHE A 177 2.56 11.47 -5.03
C PHE A 177 2.81 11.57 -6.54
N GLY A 178 1.94 12.28 -7.25
CA GLY A 178 1.99 12.37 -8.70
C GLY A 178 3.10 13.25 -9.27
N SER A 179 3.54 14.26 -8.52
CA SER A 179 4.54 15.20 -9.02
C SER A 179 5.96 14.93 -8.52
N VAL A 180 6.11 14.28 -7.36
CA VAL A 180 7.43 14.00 -6.80
C VAL A 180 7.72 12.50 -6.66
N GLU A 181 6.83 11.78 -6.00
CA GLU A 181 7.11 10.39 -5.60
C GLU A 181 7.20 9.49 -6.82
N VAL A 182 6.18 9.53 -7.66
CA VAL A 182 6.12 8.63 -8.81
C VAL A 182 7.31 8.84 -9.78
N HIS A 183 7.76 10.08 -9.94
CA HIS A 183 8.89 10.41 -10.84
C HIS A 183 10.28 10.10 -10.29
N ASN A 184 10.36 9.64 -9.03
CA ASN A 184 11.62 9.26 -8.39
C ASN A 184 11.75 7.78 -8.03
N LEU A 185 10.74 6.99 -8.39
CA LEU A 185 10.86 5.53 -8.37
C LEU A 185 11.87 5.11 -9.44
N GLN A 186 12.86 4.32 -9.05
CA GLN A 186 13.93 3.99 -9.96
C GLN A 186 13.66 2.68 -10.71
N PRO A 187 13.77 2.72 -12.06
CA PRO A 187 13.62 1.46 -12.81
C PRO A 187 14.72 0.45 -12.47
N GLU A 188 14.40 -0.84 -12.66
CA GLU A 188 15.20 -2.01 -12.21
C GLU A 188 15.09 -2.23 -10.72
N LYS A 189 15.53 -1.24 -9.94
CA LYS A 189 15.35 -1.25 -8.49
C LYS A 189 13.88 -1.56 -8.13
N VAL A 190 12.97 -0.79 -8.71
CA VAL A 190 11.52 -1.01 -8.58
C VAL A 190 11.05 -1.82 -9.81
N GLN A 191 10.51 -3.02 -9.55
CA GLN A 191 9.94 -3.87 -10.58
C GLN A 191 8.50 -3.44 -10.92
N THR A 192 7.71 -3.17 -9.88
CA THR A 192 6.27 -2.95 -10.03
C THR A 192 5.76 -1.90 -9.07
N LEU A 193 4.87 -1.04 -9.56
CA LEU A 193 4.04 -0.20 -8.70
C LEU A 193 2.63 -0.79 -8.71
N GLU A 194 2.16 -1.18 -7.53
CA GLU A 194 0.81 -1.70 -7.37
C GLU A 194 -0.04 -0.71 -6.62
N ALA A 195 -1.10 -0.24 -7.28
CA ALA A 195 -2.05 0.71 -6.69
C ALA A 195 -3.18 -0.06 -6.05
N TRP A 196 -3.54 0.33 -4.84
CA TRP A 196 -4.75 -0.14 -4.18
C TRP A 196 -5.73 1.03 -4.16
N VAL A 197 -6.78 0.93 -4.97
CA VAL A 197 -7.80 1.95 -5.03
C VAL A 197 -8.81 1.70 -3.92
N ILE A 198 -8.90 2.65 -3.00
CA ILE A 198 -9.76 2.53 -1.83
C ILE A 198 -11.15 3.10 -2.13
N HIS A 199 -12.16 2.24 -2.07
CA HIS A 199 -13.53 2.66 -2.28
C HIS A 199 -14.10 3.41 -1.07
N GLY A 200 -15.05 4.31 -1.33
CA GLY A 200 -15.71 5.12 -0.30
C GLY A 200 -17.14 4.68 -0.05
N SER A 205 -19.54 0.08 -6.33
CA SER A 205 -18.82 -1.19 -6.43
C SER A 205 -18.31 -1.49 -7.86
N ARG A 206 -18.06 -0.44 -8.64
CA ARG A 206 -17.49 -0.59 -9.98
C ARG A 206 -16.00 -0.89 -9.85
N ASP A 207 -15.43 -1.47 -10.89
CA ASP A 207 -13.98 -1.62 -10.98
C ASP A 207 -13.37 -0.24 -11.28
N LEU A 208 -12.79 0.39 -10.26
CA LEU A 208 -12.15 1.71 -10.43
C LEU A 208 -10.76 1.65 -11.06
N CYS A 209 -10.21 0.46 -11.27
CA CYS A 209 -8.97 0.33 -12.04
C CYS A 209 -9.13 0.67 -13.53
N GLN A 210 -10.36 0.86 -14.02
CA GLN A 210 -10.59 1.38 -15.37
C GLN A 210 -10.73 2.89 -15.45
N ASP A 211 -10.58 3.60 -14.32
CA ASP A 211 -10.72 5.06 -14.32
C ASP A 211 -9.68 5.70 -15.24
N PRO A 212 -10.06 6.77 -15.97
CA PRO A 212 -9.10 7.49 -16.82
C PRO A 212 -7.79 7.92 -16.14
N THR A 213 -7.86 8.35 -14.88
CA THR A 213 -6.67 8.81 -14.16
C THR A 213 -5.76 7.63 -13.79
N ILE A 214 -6.36 6.46 -13.59
CA ILE A 214 -5.58 5.23 -13.37
C ILE A 214 -4.87 4.83 -14.66
N LYS A 215 -5.56 4.93 -15.81
CA LYS A 215 -4.90 4.71 -17.10
C LYS A 215 -3.74 5.69 -17.31
N GLU A 216 -3.90 6.94 -16.86
CA GLU A 216 -2.81 7.93 -16.90
C GLU A 216 -1.62 7.47 -16.05
N LEU A 217 -1.89 7.06 -14.81
CA LEU A 217 -0.83 6.56 -13.92
C LEU A 217 -0.09 5.38 -14.55
N GLU A 218 -0.84 4.42 -15.09
CA GLU A 218 -0.25 3.28 -15.79
C GLU A 218 0.70 3.73 -16.90
N SER A 219 0.28 4.72 -17.68
CA SER A 219 1.13 5.25 -18.77
C SER A 219 2.45 5.85 -18.24
N ILE A 220 2.34 6.69 -17.21
CA ILE A 220 3.48 7.32 -16.55
C ILE A 220 4.49 6.28 -16.06
N ILE A 221 3.97 5.29 -15.35
CA ILE A 221 4.79 4.21 -14.79
C ILE A 221 5.45 3.35 -15.88
N SER A 222 4.67 2.95 -16.87
CA SER A 222 5.19 2.15 -17.97
C SER A 222 6.27 2.91 -18.75
N LYS A 223 6.17 4.23 -18.84
CA LYS A 223 7.21 5.07 -19.47
C LYS A 223 8.52 5.14 -18.69
N ARG A 224 8.45 4.87 -17.39
CA ARG A 224 9.64 4.75 -16.55
C ARG A 224 10.18 3.32 -16.54
N ASN A 225 9.61 2.43 -17.35
CA ASN A 225 9.99 1.01 -17.42
C ASN A 225 9.83 0.27 -16.11
N ILE A 226 8.68 0.52 -15.49
CA ILE A 226 8.24 -0.16 -14.29
C ILE A 226 6.85 -0.76 -14.61
N GLN A 227 6.56 -1.95 -14.10
CA GLN A 227 5.27 -2.61 -14.32
C GLN A 227 4.21 -1.96 -13.42
N PHE A 228 2.96 -1.98 -13.87
CA PHE A 228 1.85 -1.42 -13.12
C PHE A 228 0.84 -2.51 -12.84
N SER A 229 0.36 -2.52 -11.60
CA SER A 229 -0.73 -3.37 -11.17
C SER A 229 -1.72 -2.48 -10.43
N CYS A 230 -3.02 -2.80 -10.54
CA CYS A 230 -4.06 -2.07 -9.82
C CYS A 230 -5.08 -3.05 -9.22
N LYS A 231 -5.46 -2.79 -7.96
CA LYS A 231 -6.44 -3.56 -7.20
C LYS A 231 -7.52 -2.66 -6.61
N ASN A 232 -8.70 -3.23 -6.40
CA ASN A 232 -9.79 -2.58 -5.69
C ASN A 232 -9.88 -3.08 -4.24
N ILE A 233 -9.85 -2.14 -3.30
CA ILE A 233 -10.19 -2.40 -1.90
C ILE A 233 -11.62 -1.86 -1.73
N TYR A 234 -12.59 -2.77 -1.84
CA TYR A 234 -14.00 -2.42 -1.82
C TYR A 234 -14.46 -2.00 -0.42
N ARG A 235 -13.84 -2.55 0.62
CA ARG A 235 -14.25 -2.30 2.00
C ARG A 235 -13.01 -2.08 2.86
N PRO A 236 -12.52 -0.82 2.92
CA PRO A 236 -11.25 -0.52 3.57
C PRO A 236 -11.22 -0.76 5.08
N ASP A 237 -12.30 -0.48 5.80
CA ASP A 237 -12.30 -0.74 7.24
C ASP A 237 -12.30 -2.25 7.51
N LYS A 238 -13.14 -2.99 6.80
CA LYS A 238 -13.11 -4.45 6.85
C LYS A 238 -11.72 -5.00 6.45
N PHE A 239 -11.12 -4.41 5.41
CA PHE A 239 -9.76 -4.77 5.03
C PHE A 239 -8.83 -4.66 6.24
N LEU A 240 -8.82 -3.50 6.90
CA LEU A 240 -7.98 -3.29 8.09
C LEU A 240 -8.23 -4.30 9.21
N GLN A 241 -9.51 -4.58 9.48
CA GLN A 241 -9.88 -5.60 10.48
C GLN A 241 -9.27 -6.97 10.17
N CYS A 242 -9.31 -7.34 8.89
CA CYS A 242 -8.82 -8.65 8.47
C CYS A 242 -7.29 -8.75 8.38
N VAL A 243 -6.61 -7.64 8.15
CA VAL A 243 -5.16 -7.55 8.31
C VAL A 243 -4.76 -7.79 9.78
N LYS A 244 -5.50 -7.17 10.69
CA LYS A 244 -5.29 -7.35 12.12
C LYS A 244 -5.64 -8.77 12.55
N ASN A 245 -6.84 -9.24 12.21
CA ASN A 245 -7.27 -10.60 12.55
C ASN A 245 -7.97 -11.28 11.37
N PRO A 246 -7.20 -12.03 10.57
CA PRO A 246 -7.80 -12.69 9.38
C PRO A 246 -8.72 -13.87 9.68
N GLU A 247 -8.73 -14.34 10.92
CA GLU A 247 -9.50 -15.53 11.27
C GLU A 247 -10.98 -15.28 11.59
N ASP A 248 -11.41 -14.02 11.63
CA ASP A 248 -12.84 -13.70 11.77
C ASP A 248 -13.59 -14.14 10.51
N SER A 249 -14.75 -14.76 10.69
CA SER A 249 -15.53 -15.28 9.55
C SER A 249 -16.07 -14.17 8.62
N SER A 250 -16.22 -12.94 9.12
CA SER A 250 -16.55 -11.80 8.25
C SER A 250 -15.41 -11.39 7.29
N CYS A 251 -14.23 -12.01 7.43
CA CYS A 251 -13.14 -11.85 6.46
C CYS A 251 -13.26 -12.71 5.22
N THR A 252 -14.27 -13.57 5.15
CA THR A 252 -14.34 -14.57 4.09
C THR A 252 -15.67 -14.49 3.35
N SER A 253 -15.63 -14.51 2.02
CA SER A 253 -16.81 -14.46 1.16
C SER A 253 -17.70 -15.67 1.43
N GLU A 254 -19.02 -15.44 1.41
CA GLU A 254 -20.00 -16.46 1.66
C GLU A 254 -20.08 -17.42 0.48
N ILE A 255 -20.22 -18.71 0.77
CA ILE A 255 -20.41 -19.73 -0.26
C ILE A 255 -21.91 -19.96 -0.49
N GLN B 3 0.51 -13.45 -11.74
CA GLN B 3 -0.09 -13.30 -10.36
C GLN B 3 -0.84 -14.57 -9.89
N LEU B 4 -1.53 -15.25 -10.80
CA LEU B 4 -2.28 -16.48 -10.48
C LEU B 4 -1.96 -17.58 -11.48
N GLN B 5 -1.43 -18.69 -11.00
CA GLN B 5 -1.10 -19.81 -11.86
C GLN B 5 -1.63 -21.11 -11.30
N GLU B 6 -2.54 -21.74 -12.03
CA GLU B 6 -3.18 -22.98 -11.65
C GLU B 6 -2.64 -24.16 -12.45
N SER B 7 -2.65 -25.33 -11.81
CA SER B 7 -2.24 -26.57 -12.45
C SER B 7 -2.86 -27.78 -11.75
N GLY B 8 -2.65 -28.96 -12.32
CA GLY B 8 -3.02 -30.24 -11.72
C GLY B 8 -4.29 -30.86 -12.29
N GLY B 9 -4.89 -30.20 -13.27
CA GLY B 9 -6.10 -30.71 -13.90
C GLY B 9 -5.83 -31.85 -14.86
N GLY B 10 -6.86 -32.25 -15.59
CA GLY B 10 -6.78 -33.40 -16.45
C GLY B 10 -8.10 -34.14 -16.52
N SER B 11 -8.04 -35.37 -16.98
CA SER B 11 -9.20 -36.22 -17.11
C SER B 11 -9.07 -37.40 -16.16
N VAL B 12 -10.16 -37.73 -15.48
CA VAL B 12 -10.18 -38.88 -14.58
C VAL B 12 -11.54 -39.55 -14.65
N GLN B 13 -11.59 -40.81 -14.23
CA GLN B 13 -12.84 -41.56 -14.22
C GLN B 13 -13.61 -41.18 -12.97
N ALA B 14 -14.94 -41.24 -13.07
CA ALA B 14 -15.80 -41.05 -11.91
C ALA B 14 -15.31 -41.95 -10.76
N GLY B 15 -15.26 -41.40 -9.55
CA GLY B 15 -14.71 -42.10 -8.39
C GLY B 15 -13.26 -41.80 -8.09
N GLY B 16 -12.51 -41.33 -9.08
CA GLY B 16 -11.11 -41.01 -8.92
C GLY B 16 -10.82 -39.69 -8.22
N SER B 17 -9.52 -39.39 -8.14
CA SER B 17 -9.01 -38.22 -7.43
C SER B 17 -8.09 -37.37 -8.30
N LEU B 18 -8.10 -36.06 -8.06
CA LEU B 18 -7.11 -35.11 -8.61
C LEU B 18 -6.75 -34.12 -7.53
N THR B 19 -5.57 -33.53 -7.61
CA THR B 19 -5.20 -32.44 -6.71
C THR B 19 -4.77 -31.24 -7.54
N LEU B 20 -5.44 -30.10 -7.32
CA LEU B 20 -5.13 -28.85 -8.02
C LEU B 20 -4.26 -27.98 -7.15
N SER B 21 -3.39 -27.18 -7.78
CA SER B 21 -2.49 -26.26 -7.11
C SER B 21 -2.61 -24.90 -7.75
N CYS B 22 -2.41 -23.87 -6.94
CA CYS B 22 -2.41 -22.51 -7.40
C CYS B 22 -1.36 -21.78 -6.60
N THR B 23 -0.48 -21.07 -7.31
CA THR B 23 0.44 -20.13 -6.70
C THR B 23 -0.08 -18.74 -7.00
N ALA B 24 -0.30 -17.98 -5.93
CA ALA B 24 -0.73 -16.58 -6.01
C ALA B 24 0.39 -15.67 -5.51
N SER B 25 0.84 -14.74 -6.36
CA SER B 25 1.94 -13.85 -6.02
C SER B 25 1.39 -12.45 -5.80
N GLY B 26 1.61 -11.94 -4.60
CA GLY B 26 1.18 -10.60 -4.23
C GLY B 26 0.79 -10.48 -2.77
N LEU B 27 1.04 -9.29 -2.23
CA LEU B 27 0.74 -8.98 -0.85
C LEU B 27 -0.72 -9.16 -0.52
N LEU B 28 -1.62 -8.73 -1.40
CA LEU B 28 -3.04 -8.87 -1.09
C LEU B 28 -3.49 -10.33 -0.99
N PHE B 29 -2.89 -11.22 -1.75
CA PHE B 29 -3.16 -12.64 -1.58
C PHE B 29 -2.70 -13.12 -0.19
N ARG B 30 -1.53 -12.67 0.25
CA ARG B 30 -1.01 -13.06 1.58
C ARG B 30 -1.92 -12.61 2.73
N LEU B 31 -2.63 -11.51 2.54
CA LEU B 31 -3.49 -10.94 3.60
C LEU B 31 -4.97 -11.36 3.55
N ALA B 32 -5.39 -11.98 2.46
CA ALA B 32 -6.78 -12.25 2.21
C ALA B 32 -7.12 -13.72 2.35
N SER B 33 -8.36 -13.99 2.75
CA SER B 33 -8.93 -15.30 2.53
C SER B 33 -8.91 -15.63 1.03
N MET B 34 -8.62 -16.89 0.72
CA MET B 34 -8.52 -17.36 -0.64
C MET B 34 -9.59 -18.41 -0.87
N GLY B 35 -9.84 -18.69 -2.14
CA GLY B 35 -10.84 -19.70 -2.49
C GLY B 35 -10.61 -20.34 -3.83
N TRP B 36 -11.23 -21.51 -3.99
CA TRP B 36 -11.29 -22.20 -5.28
C TRP B 36 -12.67 -22.02 -5.85
N TYR B 37 -12.71 -21.65 -7.13
CA TYR B 37 -13.93 -21.40 -7.88
C TYR B 37 -13.94 -22.38 -9.04
N ARG B 38 -15.10 -22.58 -9.63
CA ARG B 38 -15.18 -23.36 -10.85
C ARG B 38 -16.30 -22.90 -11.75
N GLN B 39 -16.12 -23.13 -13.04
CA GLN B 39 -17.11 -22.77 -14.04
C GLN B 39 -17.34 -23.92 -15.01
N ALA B 40 -18.56 -24.46 -15.00
CA ALA B 40 -18.98 -25.45 -16.00
C ALA B 40 -19.33 -24.72 -17.29
N PRO B 41 -19.13 -25.37 -18.46
CA PRO B 41 -19.10 -24.72 -19.79
C PRO B 41 -20.13 -23.61 -20.07
N GLY B 42 -21.38 -23.81 -19.63
CA GLY B 42 -22.44 -22.84 -19.90
C GLY B 42 -23.08 -22.28 -18.65
N LYS B 43 -22.28 -22.08 -17.61
CA LYS B 43 -22.80 -21.80 -16.27
C LYS B 43 -22.04 -20.67 -15.59
N GLU B 44 -22.59 -20.17 -14.49
CA GLU B 44 -21.94 -19.13 -13.69
C GLU B 44 -20.74 -19.71 -12.95
N ARG B 45 -19.70 -18.90 -12.81
CA ARG B 45 -18.56 -19.24 -11.97
C ARG B 45 -19.06 -19.31 -10.52
N GLU B 46 -18.76 -20.40 -9.82
CA GLU B 46 -19.18 -20.56 -8.43
C GLU B 46 -17.98 -20.73 -7.51
N LEU B 47 -18.05 -20.12 -6.33
CA LEU B 47 -17.12 -20.35 -5.24
C LEU B 47 -17.47 -21.68 -4.58
N ILE B 48 -16.50 -22.58 -4.46
CA ILE B 48 -16.74 -23.92 -3.84
C ILE B 48 -16.00 -24.19 -2.53
N ALA B 49 -14.93 -23.45 -2.26
CA ALA B 49 -14.15 -23.68 -1.05
C ALA B 49 -13.38 -22.44 -0.72
N THR B 50 -13.33 -22.11 0.58
CA THR B 50 -12.57 -20.94 1.05
C THR B 50 -11.62 -21.34 2.18
N ILE B 51 -10.58 -20.52 2.35
CA ILE B 51 -9.59 -20.74 3.38
C ILE B 51 -9.05 -19.39 3.86
N THR B 52 -9.07 -19.19 5.17
CA THR B 52 -8.51 -17.99 5.78
C THR B 52 -6.99 -18.02 5.70
N VAL B 53 -6.37 -16.87 5.98
CA VAL B 53 -4.90 -16.81 6.05
C VAL B 53 -4.34 -17.94 6.92
N GLY B 54 -4.94 -18.17 8.08
CA GLY B 54 -4.50 -19.19 9.04
C GLY B 54 -5.00 -20.62 8.85
N GLY B 55 -5.78 -20.87 7.81
CA GLY B 55 -6.15 -22.22 7.41
C GLY B 55 -7.51 -22.73 7.83
N LYS B 56 -8.41 -21.85 8.26
CA LYS B 56 -9.79 -22.23 8.54
C LYS B 56 -10.59 -22.33 7.25
N THR B 57 -11.26 -23.45 7.07
CA THR B 57 -11.86 -23.78 5.77
C THR B 57 -13.38 -23.78 5.80
N ASN B 58 -13.97 -23.59 4.64
CA ASN B 58 -15.41 -23.76 4.44
C ASN B 58 -15.64 -24.31 3.05
N TYR B 59 -16.69 -25.10 2.89
CA TYR B 59 -16.97 -25.79 1.63
C TYR B 59 -18.42 -25.67 1.24
N LYS B 60 -18.66 -25.61 -0.06
CA LYS B 60 -20.01 -25.73 -0.59
C LYS B 60 -20.56 -27.12 -0.26
N ASP B 61 -21.87 -27.21 -0.01
CA ASP B 61 -22.52 -28.50 0.31
C ASP B 61 -22.26 -29.59 -0.74
N SER B 62 -22.26 -29.19 -2.02
CA SER B 62 -22.05 -30.13 -3.14
C SER B 62 -20.66 -30.78 -3.18
N VAL B 63 -19.66 -30.18 -2.52
CA VAL B 63 -18.33 -30.79 -2.43
C VAL B 63 -17.88 -31.14 -1.02
N GLN B 64 -18.70 -30.78 0.00
CA GLN B 64 -18.38 -31.05 1.41
C GLN B 64 -18.06 -32.53 1.60
N GLY B 65 -16.99 -32.83 2.33
CA GLY B 65 -16.56 -34.20 2.58
C GLY B 65 -15.73 -34.89 1.49
N ARG B 66 -15.74 -34.35 0.27
CA ARG B 66 -14.96 -34.89 -0.84
C ARG B 66 -13.70 -34.08 -1.16
N PHE B 67 -13.76 -32.76 -1.00
CA PHE B 67 -12.67 -31.85 -1.34
C PHE B 67 -12.00 -31.33 -0.08
N ILE B 68 -10.68 -31.15 -0.13
CA ILE B 68 -9.93 -30.51 0.97
C ILE B 68 -9.10 -29.38 0.40
N ILE B 69 -9.28 -28.18 0.97
CA ILE B 69 -8.51 -27.00 0.60
C ILE B 69 -7.42 -26.78 1.65
N THR B 70 -6.18 -26.56 1.21
CA THR B 70 -5.10 -26.21 2.10
C THR B 70 -4.36 -25.00 1.57
N ARG B 71 -3.49 -24.47 2.42
CA ARG B 71 -2.79 -23.25 2.10
C ARG B 71 -1.41 -23.24 2.74
N ASP B 72 -0.40 -22.75 2.00
CA ASP B 72 0.93 -22.49 2.56
C ASP B 72 1.37 -21.10 2.14
N ASN B 73 1.85 -20.32 3.10
CA ASN B 73 2.14 -18.89 2.91
C ASN B 73 3.63 -18.57 2.91
N THR B 78 6.24 -12.80 -0.89
CA THR B 78 4.79 -12.77 -0.71
C THR B 78 4.15 -13.66 -1.75
N LYS B 79 3.95 -14.91 -1.34
CA LYS B 79 3.25 -15.89 -2.13
C LYS B 79 2.43 -16.72 -1.19
N SER B 80 1.25 -17.11 -1.64
CA SER B 80 0.46 -18.13 -1.01
C SER B 80 0.27 -19.20 -2.07
N THR B 81 0.39 -20.46 -1.66
CA THR B 81 -0.01 -21.57 -2.51
C THR B 81 -1.27 -22.13 -1.90
N VAL B 82 -2.25 -22.43 -2.75
CA VAL B 82 -3.53 -22.95 -2.33
C VAL B 82 -3.74 -24.22 -3.15
N THR B 83 -4.12 -25.29 -2.46
CA THR B 83 -4.24 -26.62 -3.04
C THR B 83 -5.66 -27.11 -2.80
N LEU B 84 -6.18 -27.85 -3.78
CA LEU B 84 -7.51 -28.46 -3.68
C LEU B 84 -7.39 -29.93 -3.95
N GLN B 85 -7.46 -30.75 -2.89
CA GLN B 85 -7.50 -32.21 -3.04
C GLN B 85 -8.96 -32.58 -3.36
N MET B 86 -9.18 -33.31 -4.44
CA MET B 86 -10.51 -33.69 -4.88
C MET B 86 -10.61 -35.20 -4.93
N ASN B 87 -11.48 -35.75 -4.08
CA ASN B 87 -11.69 -37.20 -4.02
C ASN B 87 -13.08 -37.58 -4.47
N ARG B 88 -13.24 -38.85 -4.88
CA ARG B 88 -14.53 -39.42 -5.30
C ARG B 88 -15.23 -38.47 -6.28
N LEU B 89 -14.52 -38.15 -7.35
CA LEU B 89 -14.99 -37.18 -8.33
C LEU B 89 -16.22 -37.68 -9.08
N LYS B 90 -17.12 -36.76 -9.40
CA LYS B 90 -18.37 -37.06 -10.11
C LYS B 90 -18.39 -36.30 -11.42
N PRO B 91 -19.14 -36.79 -12.43
CA PRO B 91 -19.28 -36.04 -13.69
C PRO B 91 -19.69 -34.58 -13.49
N GLU B 92 -20.50 -34.31 -12.46
CA GLU B 92 -20.92 -32.95 -12.12
C GLU B 92 -19.78 -32.00 -11.72
N ASP B 93 -18.63 -32.54 -11.35
CA ASP B 93 -17.44 -31.75 -11.01
C ASP B 93 -16.66 -31.26 -12.24
N THR B 94 -17.07 -31.68 -13.45
CA THR B 94 -16.41 -31.28 -14.68
C THR B 94 -16.52 -29.77 -14.86
N ALA B 95 -15.37 -29.08 -14.95
CA ALA B 95 -15.37 -27.62 -15.01
C ALA B 95 -13.95 -27.11 -15.18
N VAL B 96 -13.84 -25.80 -15.36
CA VAL B 96 -12.54 -25.13 -15.27
C VAL B 96 -12.47 -24.56 -13.86
N TYR B 97 -11.37 -24.84 -13.18
CA TYR B 97 -11.14 -24.44 -11.80
C TYR B 97 -10.16 -23.30 -11.73
N TYR B 98 -10.49 -22.34 -10.86
CA TYR B 98 -9.73 -21.12 -10.71
C TYR B 98 -9.50 -20.85 -9.24
N CYS B 99 -8.34 -20.29 -8.91
CA CYS B 99 -8.10 -19.86 -7.54
C CYS B 99 -8.02 -18.33 -7.50
N ASN B 100 -8.49 -17.74 -6.41
CA ASN B 100 -8.43 -16.29 -6.26
C ASN B 100 -8.67 -15.90 -4.83
N THR B 101 -8.66 -14.60 -4.57
CA THR B 101 -9.12 -14.10 -3.29
C THR B 101 -10.59 -14.46 -3.14
N ALA B 102 -11.02 -14.65 -1.89
CA ALA B 102 -12.44 -14.81 -1.55
C ALA B 102 -12.70 -13.99 -0.29
N SER B 103 -12.59 -12.68 -0.48
CA SER B 103 -12.68 -11.71 0.60
C SER B 103 -13.74 -10.68 0.26
N PRO B 104 -14.59 -10.33 1.22
CA PRO B 104 -15.46 -9.16 1.00
C PRO B 104 -14.70 -7.80 0.92
N ALA B 105 -13.44 -7.77 1.38
CA ALA B 105 -12.69 -6.51 1.44
C ALA B 105 -11.94 -6.21 0.15
N VAL B 106 -11.42 -7.24 -0.51
CA VAL B 106 -10.54 -7.05 -1.68
C VAL B 106 -11.10 -7.74 -2.90
N GLY B 107 -10.88 -7.14 -4.07
CA GLY B 107 -11.40 -7.67 -5.31
C GLY B 107 -10.74 -8.96 -5.74
N ALA B 108 -11.52 -9.82 -6.38
CA ALA B 108 -10.98 -10.89 -7.20
C ALA B 108 -10.93 -10.21 -8.56
N ASP B 109 -9.89 -9.39 -8.73
CA ASP B 109 -9.80 -8.44 -9.81
C ASP B 109 -9.57 -9.22 -11.08
N THR B 110 -8.41 -9.88 -11.11
CA THR B 110 -7.88 -10.54 -12.27
C THR B 110 -7.96 -12.02 -12.00
N TRP B 111 -7.85 -12.82 -13.07
CA TRP B 111 -7.99 -14.27 -12.97
C TRP B 111 -6.87 -14.92 -13.74
N GLY B 112 -6.40 -16.06 -13.22
CA GLY B 112 -5.48 -16.91 -13.94
C GLY B 112 -6.19 -17.62 -15.08
N GLN B 113 -5.42 -18.44 -15.81
CA GLN B 113 -5.93 -19.23 -16.92
C GLN B 113 -6.87 -20.37 -16.49
N GLY B 114 -6.76 -20.79 -15.24
CA GLY B 114 -7.56 -21.89 -14.72
C GLY B 114 -6.98 -23.22 -15.10
N THR B 115 -7.54 -24.28 -14.55
CA THR B 115 -7.10 -25.63 -14.88
C THR B 115 -8.35 -26.48 -15.15
N ARG B 116 -8.36 -27.17 -16.28
CA ARG B 116 -9.54 -27.93 -16.73
CA ARG B 116 -9.54 -27.93 -16.74
C ARG B 116 -9.60 -29.32 -16.09
N VAL B 117 -10.76 -29.66 -15.56
CA VAL B 117 -11.01 -30.97 -14.97
C VAL B 117 -12.17 -31.61 -15.72
N THR B 118 -11.95 -32.82 -16.24
CA THR B 118 -12.97 -33.57 -16.96
C THR B 118 -13.17 -34.91 -16.27
N VAL B 119 -14.39 -35.17 -15.81
CA VAL B 119 -14.71 -36.41 -15.14
C VAL B 119 -15.68 -37.21 -16.01
N SER B 120 -15.22 -38.38 -16.46
CA SER B 120 -16.02 -39.27 -17.28
C SER B 120 -16.64 -40.34 -16.40
#